data_4PYU
#
_entry.id   4PYU
#
_cell.length_a   87.510
_cell.length_b   103.630
_cell.length_c   67.000
_cell.angle_alpha   90.00
_cell.angle_beta   90.00
_cell.angle_gamma   90.00
#
_symmetry.space_group_name_H-M   'P 21 21 2'
#
loop_
_entity.id
_entity.type
_entity.pdbx_description
1 polymer 'Ubiquitin-like protein 5'
2 polymer 'U4/U6.U5 tri-snRNP-associated protein 1'
3 water water
#
loop_
_entity_poly.entity_id
_entity_poly.type
_entity_poly.pdbx_seq_one_letter_code
_entity_poly.pdbx_strand_id
1 'polypeptide(L)' GSHMIEVVCNDRLGKKVRVKCNTDDTIGDLKKLIAAQTGTRWNKIVLKKWYTIFKDHVSLGDYEIHDGMNLELYYQ A,B,G,K,O,S
2 'polypeptide(L)' SLSIEETNKLRAKLGLKPL C,D,H,L,P,T
#
# COMPACT_ATOMS: atom_id res chain seq x y z
N GLY A 1 34.97 0.55 -28.68
CA GLY A 1 34.03 -0.48 -28.14
C GLY A 1 34.71 -1.22 -26.99
N SER A 2 33.94 -1.68 -26.00
CA SER A 2 32.57 -1.30 -25.82
C SER A 2 32.64 0.21 -25.62
N HIS A 3 31.64 0.91 -26.15
CA HIS A 3 31.65 2.34 -26.18
C HIS A 3 30.15 2.73 -26.28
N MET A 4 29.64 3.55 -25.36
CA MET A 4 28.27 4.06 -25.45
C MET A 4 28.14 5.15 -26.51
N ILE A 5 27.10 5.08 -27.33
CA ILE A 5 26.80 6.12 -28.28
C ILE A 5 25.29 6.39 -28.19
N GLU A 6 24.86 7.39 -28.94
CA GLU A 6 23.42 7.62 -29.16
C GLU A 6 23.06 7.62 -30.60
N VAL A 7 21.90 7.13 -30.92
CA VAL A 7 21.45 7.18 -32.30
C VAL A 7 20.06 7.77 -32.36
N VAL A 8 19.79 8.48 -33.45
CA VAL A 8 18.51 9.09 -33.71
C VAL A 8 17.78 8.36 -34.82
N CYS A 9 16.56 7.96 -34.54
CA CYS A 9 15.78 7.20 -35.48
C CYS A 9 14.53 8.03 -35.86
N ASN A 10 14.39 8.38 -37.13
CA ASN A 10 13.27 9.19 -37.64
C ASN A 10 12.39 8.37 -38.60
N ASP A 11 11.05 8.43 -38.44
CA ASP A 11 10.18 7.69 -39.32
C ASP A 11 9.74 8.66 -40.36
N ARG A 12 9.00 8.14 -41.32
CA ARG A 12 8.62 8.94 -42.49
C ARG A 12 7.68 10.09 -42.13
N LEU A 13 6.98 10.02 -41.00
CA LEU A 13 6.16 11.13 -40.55
C LEU A 13 6.87 12.10 -39.59
N GLY A 14 8.17 11.94 -39.39
CA GLY A 14 8.93 12.88 -38.59
C GLY A 14 8.98 12.55 -37.11
N LYS A 15 8.46 11.42 -36.67
CA LYS A 15 8.59 11.05 -35.25
C LYS A 15 10.05 10.63 -35.03
N LYS A 16 10.62 10.98 -33.89
CA LYS A 16 12.03 10.83 -33.61
C LYS A 16 12.21 10.26 -32.21
N VAL A 17 13.09 9.27 -32.06
CA VAL A 17 13.53 8.76 -30.75
C VAL A 17 15.04 8.77 -30.82
N ARG A 18 15.66 9.15 -29.73
CA ARG A 18 17.11 9.14 -29.59
C ARG A 18 17.43 8.07 -28.52
N VAL A 19 18.23 7.10 -28.89
CA VAL A 19 18.43 5.90 -28.08
C VAL A 19 19.90 5.86 -27.69
N LYS A 20 20.15 5.58 -26.42
CA LYS A 20 21.48 5.31 -25.89
C LYS A 20 21.77 3.83 -26.11
N CYS A 21 22.90 3.56 -26.70
CA CYS A 21 23.26 2.19 -26.95
C CYS A 21 24.78 2.00 -26.91
N ASN A 22 25.24 0.75 -27.06
CA ASN A 22 26.65 0.39 -26.99
C ASN A 22 27.06 -0.20 -28.33
N THR A 23 28.31 0.04 -28.74
CA THR A 23 28.78 -0.35 -30.04
C THR A 23 28.80 -1.86 -30.26
N ASP A 24 28.90 -2.64 -29.19
CA ASP A 24 28.69 -4.10 -29.25
C ASP A 24 27.26 -4.59 -29.35
N ASP A 25 26.25 -3.74 -29.12
CA ASP A 25 24.88 -4.15 -29.36
C ASP A 25 24.73 -4.60 -30.79
N THR A 26 23.86 -5.59 -31.04
CA THR A 26 23.43 -5.88 -32.40
C THR A 26 22.35 -4.90 -32.88
N ILE A 27 22.10 -4.88 -34.17
CA ILE A 27 20.96 -4.14 -34.74
C ILE A 27 19.61 -4.63 -34.18
N GLY A 28 19.47 -5.96 -34.04
CA GLY A 28 18.33 -6.52 -33.38
C GLY A 28 18.14 -6.01 -31.96
N ASP A 29 19.20 -5.94 -31.19
CA ASP A 29 19.14 -5.31 -29.84
C ASP A 29 18.69 -3.82 -29.81
N LEU A 30 19.22 -3.01 -30.71
CA LEU A 30 18.77 -1.64 -30.85
C LEU A 30 17.32 -1.59 -31.16
N LYS A 31 16.90 -2.48 -32.04
CA LYS A 31 15.49 -2.52 -32.42
C LYS A 31 14.59 -2.84 -31.24
N LYS A 32 15.05 -3.72 -30.37
CA LYS A 32 14.36 -3.98 -29.11
C LYS A 32 14.23 -2.71 -28.24
N LEU A 33 15.32 -1.93 -28.17
CA LEU A 33 15.28 -0.62 -27.47
C LEU A 33 14.36 0.37 -28.10
N ILE A 34 14.43 0.45 -29.42
CA ILE A 34 13.53 1.31 -30.17
C ILE A 34 12.10 0.89 -29.94
N ALA A 35 11.80 -0.39 -30.17
CA ALA A 35 10.47 -0.88 -29.95
C ALA A 35 9.83 -0.54 -28.60
N ALA A 36 10.52 -0.85 -27.51
CA ALA A 36 10.06 -0.47 -26.19
C ALA A 36 9.77 1.03 -26.00
N GLN A 37 10.51 1.88 -26.71
CA GLN A 37 10.48 3.30 -26.47
C GLN A 37 9.50 3.93 -27.43
N THR A 38 8.94 3.16 -28.37
CA THR A 38 7.93 3.71 -29.25
C THR A 38 6.61 2.94 -29.32
N GLY A 39 6.36 2.01 -28.43
CA GLY A 39 5.10 1.27 -28.45
C GLY A 39 4.92 0.24 -29.55
N THR A 40 6.02 -0.11 -30.25
CA THR A 40 5.90 -1.11 -31.28
C THR A 40 6.66 -2.40 -30.93
N ARG A 41 6.90 -3.24 -31.94
CA ARG A 41 7.44 -4.58 -31.73
C ARG A 41 8.71 -4.64 -32.54
N TRP A 42 9.75 -5.25 -31.99
CA TRP A 42 11.08 -5.12 -32.59
C TRP A 42 11.21 -5.77 -33.99
N ASN A 43 10.37 -6.77 -34.24
CA ASN A 43 10.38 -7.59 -35.42
C ASN A 43 9.51 -6.98 -36.48
N LYS A 44 8.95 -5.80 -36.21
CA LYS A 44 8.21 -5.04 -37.20
C LYS A 44 8.97 -3.81 -37.62
N ILE A 45 10.16 -3.63 -37.08
CA ILE A 45 11.02 -2.50 -37.38
C ILE A 45 12.04 -2.80 -38.44
N VAL A 46 12.19 -1.89 -39.39
CA VAL A 46 13.27 -1.96 -40.33
C VAL A 46 14.13 -0.71 -40.18
N LEU A 47 15.44 -0.91 -40.04
CA LEU A 47 16.38 0.19 -39.99
C LEU A 47 17.21 0.27 -41.28
N LYS A 48 17.21 1.45 -41.90
CA LYS A 48 18.00 1.71 -43.09
C LYS A 48 18.82 3.01 -42.98
N LYS A 49 19.76 3.17 -43.90
CA LYS A 49 20.32 4.46 -44.19
C LYS A 49 20.74 4.52 -45.65
N TRP A 50 19.98 5.28 -46.45
CA TRP A 50 20.23 5.39 -47.88
C TRP A 50 20.21 3.98 -48.41
N TYR A 51 21.34 3.39 -48.73
CA TYR A 51 21.25 2.16 -49.49
C TYR A 51 21.48 0.91 -48.63
N THR A 52 21.69 1.10 -47.32
CA THR A 52 22.03 0.02 -46.42
C THR A 52 20.81 -0.34 -45.56
N ILE A 53 20.38 -1.59 -45.64
CA ILE A 53 19.33 -2.16 -44.77
C ILE A 53 20.09 -2.91 -43.66
N PHE A 54 20.02 -2.45 -42.42
CA PHE A 54 20.90 -3.00 -41.44
C PHE A 54 20.45 -4.40 -41.08
N LYS A 55 21.38 -5.35 -41.08
CA LYS A 55 21.08 -6.73 -40.66
C LYS A 55 21.07 -6.86 -39.13
N ASP A 56 20.11 -7.63 -38.63
CA ASP A 56 19.85 -7.73 -37.20
C ASP A 56 20.96 -8.31 -36.38
N HIS A 57 21.76 -9.20 -36.96
CA HIS A 57 22.80 -9.92 -36.20
C HIS A 57 24.18 -9.30 -36.25
N VAL A 58 24.29 -8.18 -36.94
CA VAL A 58 25.51 -7.41 -36.97
C VAL A 58 25.55 -6.35 -35.86
N SER A 59 26.70 -6.20 -35.20
CA SER A 59 26.85 -5.13 -34.21
C SER A 59 26.95 -3.73 -34.82
N LEU A 60 26.64 -2.74 -33.99
CA LEU A 60 26.63 -1.35 -34.42
C LEU A 60 28.04 -0.95 -34.75
N GLY A 61 28.99 -1.41 -33.94
CA GLY A 61 30.38 -1.20 -34.19
C GLY A 61 30.82 -1.71 -35.56
N ASP A 62 30.45 -2.92 -35.93
CA ASP A 62 30.82 -3.46 -37.24
C ASP A 62 30.12 -2.75 -38.36
N TYR A 63 28.95 -2.15 -38.11
CA TYR A 63 28.37 -1.27 -39.12
C TYR A 63 28.95 0.13 -39.10
N GLU A 64 29.89 0.36 -38.20
CA GLU A 64 30.54 1.64 -38.05
C GLU A 64 29.56 2.77 -37.69
N ILE A 65 28.56 2.45 -36.88
CA ILE A 65 27.58 3.43 -36.46
C ILE A 65 28.25 4.47 -35.59
N HIS A 66 28.11 5.73 -35.98
CA HIS A 66 28.82 6.77 -35.26
C HIS A 66 27.84 7.41 -34.28
N ASP A 67 28.41 8.07 -33.29
CA ASP A 67 27.65 8.75 -32.26
C ASP A 67 26.80 9.87 -32.93
N GLY A 68 25.50 9.81 -32.71
CA GLY A 68 24.59 10.84 -33.19
C GLY A 68 23.94 10.49 -34.51
N MET A 69 24.41 9.39 -35.11
CA MET A 69 23.98 9.00 -36.44
C MET A 69 22.46 8.94 -36.58
N ASN A 70 21.95 9.45 -37.68
CA ASN A 70 20.50 9.48 -37.90
C ASN A 70 20.24 8.21 -38.72
N LEU A 71 19.34 7.35 -38.24
CA LEU A 71 18.86 6.15 -38.97
C LEU A 71 17.41 6.34 -39.41
N GLU A 72 17.02 5.69 -40.50
CA GLU A 72 15.67 5.76 -41.04
C GLU A 72 14.88 4.60 -40.48
N LEU A 73 13.78 4.92 -39.83
CA LEU A 73 12.95 3.91 -39.20
C LEU A 73 11.74 3.65 -40.11
N TYR A 74 11.48 2.37 -40.45
CA TYR A 74 10.30 1.91 -41.21
C TYR A 74 9.58 0.77 -40.48
N TYR A 75 8.29 0.63 -40.72
CA TYR A 75 7.42 -0.40 -40.12
C TYR A 75 6.95 -1.47 -41.13
N GLN A 76 6.88 -2.74 -40.73
CA GLN A 76 6.61 -3.86 -41.67
C GLN A 76 5.53 -4.89 -41.27
N SER B 2 30.35 56.65 -21.84
CA SER B 2 28.94 56.54 -21.38
C SER B 2 28.45 57.76 -20.62
N HIS B 3 27.77 58.67 -21.29
CA HIS B 3 27.34 59.88 -20.63
C HIS B 3 25.89 60.29 -20.96
N MET B 4 25.44 61.24 -20.17
CA MET B 4 24.11 61.71 -20.17
C MET B 4 23.96 62.78 -21.23
N ILE B 5 22.90 62.69 -22.01
CA ILE B 5 22.59 63.73 -22.94
C ILE B 5 21.13 63.94 -22.84
N GLU B 6 20.64 64.95 -23.55
CA GLU B 6 19.21 65.12 -23.68
C GLU B 6 18.86 65.17 -25.17
N VAL B 7 17.72 64.59 -25.52
CA VAL B 7 17.25 64.60 -26.89
C VAL B 7 15.86 65.24 -26.90
N VAL B 8 15.51 65.87 -28.01
CA VAL B 8 14.22 66.50 -28.16
C VAL B 8 13.50 65.80 -29.28
N CYS B 9 12.32 65.29 -28.99
CA CYS B 9 11.51 64.55 -29.97
C CYS B 9 10.29 65.40 -30.36
N ASN B 10 10.14 65.74 -31.65
CA ASN B 10 9.06 66.56 -32.18
C ASN B 10 8.21 65.70 -33.15
N ASP B 11 6.90 65.65 -32.98
CA ASP B 11 6.03 64.98 -33.96
C ASP B 11 5.52 65.98 -35.00
N ARG B 12 4.73 65.51 -35.94
CA ARG B 12 4.41 66.36 -37.10
C ARG B 12 3.36 67.44 -36.76
N LEU B 13 2.69 67.33 -35.62
CA LEU B 13 1.81 68.37 -35.11
C LEU B 13 2.49 69.30 -34.10
N GLY B 14 3.81 69.33 -34.08
CA GLY B 14 4.53 70.26 -33.18
C GLY B 14 4.58 69.90 -31.68
N LYS B 15 4.16 68.71 -31.29
CA LYS B 15 4.33 68.31 -29.87
C LYS B 15 5.77 67.98 -29.69
N LYS B 16 6.40 68.43 -28.58
CA LYS B 16 7.83 68.21 -28.26
C LYS B 16 8.02 67.60 -26.90
N VAL B 17 8.93 66.64 -26.74
CA VAL B 17 9.32 66.16 -25.39
C VAL B 17 10.83 66.21 -25.33
N ARG B 18 11.38 66.76 -24.25
CA ARG B 18 12.81 66.62 -23.96
C ARG B 18 13.00 65.39 -23.09
N VAL B 19 13.96 64.56 -23.44
CA VAL B 19 14.21 63.29 -22.72
C VAL B 19 15.64 63.20 -22.29
N LYS B 20 15.90 62.96 -21.01
CA LYS B 20 17.32 62.72 -20.57
C LYS B 20 17.63 61.22 -20.75
N CYS B 21 18.78 60.94 -21.29
CA CYS B 21 19.09 59.60 -21.60
C CYS B 21 20.59 59.46 -21.56
N ASN B 22 21.07 58.27 -21.82
CA ASN B 22 22.49 57.96 -21.70
C ASN B 22 22.91 57.34 -23.05
N THR B 23 24.14 57.63 -23.49
CA THR B 23 24.66 57.16 -24.77
C THR B 23 24.73 55.64 -24.97
N ASP B 24 24.79 54.89 -23.88
CA ASP B 24 24.68 53.44 -23.92
C ASP B 24 23.25 52.93 -24.10
N ASP B 25 22.22 53.78 -23.95
CA ASP B 25 20.82 53.36 -24.20
C ASP B 25 20.67 52.98 -25.66
N THR B 26 19.90 51.91 -25.94
CA THR B 26 19.49 51.59 -27.29
C THR B 26 18.40 52.56 -27.74
N ILE B 27 18.20 52.65 -29.05
CA ILE B 27 17.03 53.36 -29.56
C ILE B 27 15.73 52.82 -28.98
N GLY B 28 15.65 51.50 -28.87
CA GLY B 28 14.52 50.84 -28.26
C GLY B 28 14.26 51.33 -26.84
N ASP B 29 15.30 51.50 -26.02
CA ASP B 29 15.19 52.04 -24.66
C ASP B 29 14.68 53.50 -24.66
N LEU B 30 15.19 54.28 -25.62
CA LEU B 30 14.77 55.70 -25.72
C LEU B 30 13.29 55.78 -26.03
N LYS B 31 12.85 54.93 -26.93
CA LYS B 31 11.44 54.80 -27.26
C LYS B 31 10.54 54.44 -26.08
N LYS B 32 11.02 53.54 -25.23
CA LYS B 32 10.36 53.23 -23.96
C LYS B 32 10.21 54.49 -23.06
N LEU B 33 11.28 55.26 -22.90
CA LEU B 33 11.21 56.52 -22.16
C LEU B 33 10.27 57.51 -22.78
N ILE B 34 10.33 57.64 -24.11
CA ILE B 34 9.47 58.59 -24.78
C ILE B 34 8.03 58.17 -24.61
N ALA B 35 7.79 56.87 -24.76
CA ALA B 35 6.44 56.35 -24.60
C ALA B 35 5.78 56.65 -23.25
N ALA B 36 6.48 56.29 -22.16
CA ALA B 36 6.08 56.59 -20.79
C ALA B 36 5.78 58.08 -20.54
N GLN B 37 6.59 58.97 -21.12
CA GLN B 37 6.44 60.41 -20.94
C GLN B 37 5.40 61.07 -21.85
N THR B 38 4.86 60.33 -22.82
CA THR B 38 3.86 60.90 -23.75
C THR B 38 2.58 60.08 -23.85
N GLY B 39 2.41 59.08 -23.00
CA GLY B 39 1.16 58.31 -22.90
C GLY B 39 0.96 57.28 -23.99
N THR B 40 2.05 56.72 -24.51
CA THR B 40 1.86 55.72 -25.52
C THR B 40 2.76 54.53 -25.36
N ARG B 41 2.96 53.80 -26.44
CA ARG B 41 3.52 52.49 -26.36
C ARG B 41 4.72 52.50 -27.25
N TRP B 42 5.81 51.95 -26.75
CA TRP B 42 7.11 52.12 -27.38
C TRP B 42 7.18 51.52 -28.80
N ASN B 43 6.37 50.48 -29.02
CA ASN B 43 6.33 49.73 -30.28
C ASN B 43 5.46 50.40 -31.35
N LYS B 44 4.81 51.51 -30.98
CA LYS B 44 4.07 52.34 -31.94
C LYS B 44 4.84 53.56 -32.41
N ILE B 45 6.03 53.73 -31.88
CA ILE B 45 6.86 54.89 -32.18
C ILE B 45 7.91 54.59 -33.23
N VAL B 46 8.07 55.51 -34.18
CA VAL B 46 9.19 55.43 -35.12
C VAL B 46 10.00 56.68 -34.88
N LEU B 47 11.31 56.53 -34.83
CA LEU B 47 12.19 57.67 -34.73
C LEU B 47 13.08 57.77 -35.95
N LYS B 48 13.18 58.99 -36.47
CA LYS B 48 13.99 59.29 -37.61
C LYS B 48 14.69 60.63 -37.48
N LYS B 49 15.69 60.81 -38.32
CA LYS B 49 16.19 62.12 -38.60
C LYS B 49 16.54 62.14 -40.06
N TRP B 50 15.88 63.03 -40.76
CA TRP B 50 16.02 63.15 -42.21
C TRP B 50 15.85 61.81 -42.91
N TYR B 51 16.96 61.24 -43.38
CA TYR B 51 16.90 60.05 -44.21
C TYR B 51 17.26 58.76 -43.39
N THR B 52 17.43 58.95 -42.08
CA THR B 52 17.82 57.84 -41.20
C THR B 52 16.62 57.39 -40.37
N ILE B 53 16.32 56.10 -40.42
CA ILE B 53 15.29 55.50 -39.56
C ILE B 53 16.08 54.75 -38.52
N PHE B 54 16.02 55.18 -37.28
CA PHE B 54 16.89 54.59 -36.29
C PHE B 54 16.44 53.16 -35.92
N LYS B 55 17.41 52.25 -35.83
CA LYS B 55 17.15 50.84 -35.49
C LYS B 55 17.13 50.66 -34.00
N ASP B 56 16.14 49.91 -33.52
CA ASP B 56 15.91 49.73 -32.07
C ASP B 56 17.02 49.14 -31.25
N HIS B 57 17.84 48.29 -31.86
CA HIS B 57 18.90 47.65 -31.10
C HIS B 57 20.23 48.36 -31.09
N VAL B 58 20.33 49.51 -31.76
CA VAL B 58 21.57 50.25 -31.83
C VAL B 58 21.62 51.27 -30.70
N SER B 59 22.80 51.51 -30.13
CA SER B 59 22.90 52.55 -29.12
C SER B 59 22.91 53.99 -29.68
N LEU B 60 22.43 54.90 -28.85
CA LEU B 60 22.48 56.33 -29.15
C LEU B 60 23.93 56.69 -29.40
N GLY B 61 24.84 56.22 -28.54
CA GLY B 61 26.23 56.47 -28.82
C GLY B 61 26.67 56.06 -30.23
N ASP B 62 26.25 54.90 -30.71
CA ASP B 62 26.72 54.43 -32.01
C ASP B 62 26.03 55.17 -33.12
N TYR B 63 24.86 55.73 -32.84
CA TYR B 63 24.25 56.59 -33.84
C TYR B 63 24.82 58.01 -33.78
N GLU B 64 25.75 58.28 -32.85
CA GLU B 64 26.34 59.61 -32.81
C GLU B 64 25.30 60.65 -32.45
N ILE B 65 24.38 60.30 -31.58
CA ILE B 65 23.34 61.23 -31.18
C ILE B 65 24.02 62.24 -30.25
N HIS B 66 23.96 63.53 -30.54
CA HIS B 66 24.55 64.56 -29.69
C HIS B 66 23.57 65.23 -28.74
N ASP B 67 24.11 65.90 -27.74
CA ASP B 67 23.29 66.55 -26.75
C ASP B 67 22.40 67.62 -27.37
N GLY B 68 21.11 67.60 -27.02
CA GLY B 68 20.15 68.49 -27.62
C GLY B 68 19.62 68.13 -28.99
N MET B 69 20.07 67.01 -29.56
CA MET B 69 19.64 66.64 -30.94
C MET B 69 18.12 66.51 -31.06
N ASN B 70 17.55 67.16 -32.08
CA ASN B 70 16.11 67.06 -32.41
C ASN B 70 15.89 65.79 -33.23
N LEU B 71 14.95 64.97 -32.80
CA LEU B 71 14.61 63.75 -33.49
C LEU B 71 13.17 63.83 -33.91
N GLU B 72 12.89 63.24 -35.04
CA GLU B 72 11.56 63.21 -35.62
C GLU B 72 10.76 62.01 -35.11
N LEU B 73 9.61 62.28 -34.54
CA LEU B 73 8.78 61.26 -33.99
C LEU B 73 7.56 60.99 -34.89
N TYR B 74 7.33 59.73 -35.26
CA TYR B 74 6.13 59.31 -36.04
C TYR B 74 5.46 58.12 -35.37
N TYR B 75 4.20 57.88 -35.72
CA TYR B 75 3.44 56.81 -35.06
C TYR B 75 2.98 55.75 -36.04
N GLN B 76 2.84 54.55 -35.50
CA GLN B 76 2.06 53.46 -36.11
C GLN B 76 0.88 53.12 -35.20
N SER C 1 15.44 12.36 -23.94
CA SER C 1 15.67 10.91 -24.15
C SER C 1 15.91 10.32 -22.77
N LEU C 2 15.80 9.00 -22.68
CA LEU C 2 16.11 8.34 -21.42
C LEU C 2 17.51 8.63 -20.91
N SER C 3 17.65 8.76 -19.58
CA SER C 3 18.94 8.85 -18.91
C SER C 3 19.70 7.52 -19.09
N ILE C 4 21.01 7.56 -18.84
CA ILE C 4 21.85 6.37 -18.78
C ILE C 4 21.22 5.31 -17.84
N GLU C 5 20.88 5.73 -16.64
CA GLU C 5 20.31 4.82 -15.66
C GLU C 5 18.92 4.29 -16.11
N GLU C 6 18.05 5.11 -16.68
CA GLU C 6 16.76 4.58 -17.15
C GLU C 6 17.02 3.63 -18.33
N THR C 7 17.91 4.00 -19.22
CA THR C 7 18.28 3.09 -20.29
C THR C 7 18.86 1.73 -19.78
N ASN C 8 19.69 1.80 -18.77
CA ASN C 8 20.21 0.59 -18.17
C ASN C 8 19.18 -0.30 -17.55
N LYS C 9 18.14 0.30 -16.93
CA LYS C 9 17.09 -0.51 -16.31
C LYS C 9 16.29 -1.18 -17.44
N LEU C 10 15.99 -0.42 -18.51
CA LEU C 10 15.29 -0.99 -19.70
C LEU C 10 16.10 -2.11 -20.37
N ARG C 11 17.36 -1.83 -20.61
CA ARG C 11 18.28 -2.82 -21.06
C ARG C 11 18.25 -4.10 -20.24
N ALA C 12 18.25 -3.96 -18.93
CA ALA C 12 18.24 -5.09 -18.04
C ALA C 12 16.97 -5.86 -18.31
N LYS C 13 15.85 -5.14 -18.48
CA LYS C 13 14.59 -5.81 -18.62
C LYS C 13 14.57 -6.59 -19.93
N LEU C 14 15.29 -6.09 -20.95
CA LEU C 14 15.30 -6.75 -22.25
C LEU C 14 16.40 -7.81 -22.42
N GLY C 15 17.15 -8.15 -21.37
CA GLY C 15 18.30 -9.08 -21.44
C GLY C 15 19.64 -8.56 -22.03
N LEU C 16 19.78 -7.24 -22.10
CA LEU C 16 20.94 -6.60 -22.65
C LEU C 16 21.84 -6.17 -21.55
N LYS C 17 23.11 -6.16 -21.85
CA LYS C 17 24.07 -5.68 -20.84
C LYS C 17 23.99 -4.14 -20.65
N PRO C 18 24.57 -3.65 -19.56
CA PRO C 18 24.63 -2.22 -19.28
C PRO C 18 25.41 -1.51 -20.39
N LEU C 19 25.14 -0.21 -20.52
CA LEU C 19 25.80 0.65 -21.50
C LEU C 19 27.30 0.80 -21.26
N SER D 1 10.78 69.57 -18.59
CA SER D 1 11.16 68.15 -18.79
C SER D 1 11.42 67.59 -17.42
N LEU D 2 11.53 66.26 -17.34
CA LEU D 2 11.99 65.61 -16.11
C LEU D 2 13.40 65.96 -15.59
N SER D 3 13.48 66.11 -14.28
CA SER D 3 14.79 66.21 -13.62
C SER D 3 15.59 64.92 -13.70
N ILE D 4 16.87 64.98 -13.42
CA ILE D 4 17.73 63.77 -13.36
C ILE D 4 17.09 62.71 -12.44
N GLU D 5 16.65 63.16 -11.26
CA GLU D 5 16.07 62.27 -10.24
C GLU D 5 14.79 61.65 -10.75
N GLU D 6 13.88 62.45 -11.24
CA GLU D 6 12.65 61.90 -11.77
C GLU D 6 12.93 60.92 -12.93
N THR D 7 13.81 61.30 -13.85
CA THR D 7 14.17 60.40 -14.97
C THR D 7 14.74 59.07 -14.44
N ASN D 8 15.62 59.11 -13.43
CA ASN D 8 16.20 57.87 -12.92
C ASN D 8 15.14 56.97 -12.30
N LYS D 9 14.15 57.54 -11.62
CA LYS D 9 13.06 56.71 -11.06
C LYS D 9 12.31 56.06 -12.19
N LEU D 10 12.05 56.80 -13.25
CA LEU D 10 11.27 56.23 -14.36
C LEU D 10 12.07 55.13 -15.08
N ARG D 11 13.34 55.41 -15.27
CA ARG D 11 14.26 54.47 -15.91
C ARG D 11 14.26 53.16 -15.10
N ALA D 12 14.32 53.28 -13.78
CA ALA D 12 14.35 52.11 -12.92
C ALA D 12 13.09 51.30 -13.12
N LYS D 13 11.92 51.96 -13.18
CA LYS D 13 10.65 51.30 -13.45
C LYS D 13 10.61 50.63 -14.83
N LEU D 14 11.40 51.07 -15.81
CA LEU D 14 11.35 50.51 -17.17
C LEU D 14 12.43 49.46 -17.41
N GLY D 15 13.31 49.27 -16.42
CA GLY D 15 14.40 48.31 -16.49
C GLY D 15 15.71 48.87 -17.03
N LEU D 16 15.83 50.19 -17.06
CA LEU D 16 17.01 50.81 -17.60
C LEU D 16 17.89 51.19 -16.46
N LYS D 17 19.19 51.23 -16.71
CA LYS D 17 20.20 51.75 -15.76
C LYS D 17 20.04 53.25 -15.48
N PRO D 18 20.55 53.72 -14.32
CA PRO D 18 20.59 55.15 -14.04
C PRO D 18 21.28 55.96 -15.14
N LEU D 19 20.96 57.25 -15.25
CA LEU D 19 21.60 58.15 -16.21
C LEU D 19 23.11 58.21 -16.05
N HIS E 3 -0.56 -57.68 11.66
CA HIS E 3 -0.01 -59.02 11.27
C HIS E 3 1.52 -58.96 11.04
N MET E 4 2.00 -58.15 10.10
CA MET E 4 3.41 -57.80 10.07
C MET E 4 3.74 -56.78 11.16
N ILE E 5 4.85 -56.96 11.84
CA ILE E 5 5.35 -55.97 12.80
C ILE E 5 6.87 -55.92 12.68
N GLU E 6 7.46 -54.88 13.28
CA GLU E 6 8.91 -54.76 13.32
C GLU E 6 9.41 -54.59 14.75
N VAL E 7 10.31 -55.48 15.10
CA VAL E 7 10.82 -55.61 16.44
C VAL E 7 12.28 -55.20 16.46
N VAL E 8 12.74 -54.66 17.59
CA VAL E 8 14.11 -54.24 17.76
C VAL E 8 14.74 -55.15 18.78
N CYS E 9 15.83 -55.84 18.41
CA CYS E 9 16.53 -56.76 19.29
C CYS E 9 17.85 -56.15 19.72
N ASN E 10 18.00 -56.01 21.06
CA ASN E 10 19.14 -55.35 21.66
C ASN E 10 20.00 -56.37 22.44
N ASP E 11 21.22 -56.60 21.99
CA ASP E 11 22.13 -57.54 22.69
C ASP E 11 22.80 -56.85 23.85
N ARG E 12 23.57 -57.61 24.62
CA ARG E 12 24.11 -57.15 25.89
C ARG E 12 25.14 -56.06 25.74
N LEU E 13 25.75 -56.00 24.57
CA LEU E 13 26.76 -55.00 24.33
C LEU E 13 26.24 -53.75 23.57
N GLY E 14 24.94 -53.69 23.31
CA GLY E 14 24.31 -52.56 22.66
C GLY E 14 24.10 -52.69 21.14
N LYS E 15 24.37 -53.88 20.57
CA LYS E 15 24.11 -54.11 19.18
C LYS E 15 22.62 -54.22 19.02
N LYS E 16 22.13 -53.67 17.92
CA LYS E 16 20.71 -53.64 17.64
C LYS E 16 20.40 -54.14 16.26
N VAL E 17 19.39 -54.98 16.15
CA VAL E 17 18.84 -55.34 14.83
C VAL E 17 17.31 -55.17 14.80
N ARG E 18 16.82 -54.57 13.72
CA ARG E 18 15.39 -54.44 13.41
C ARG E 18 14.93 -55.59 12.53
N VAL E 19 13.93 -56.32 12.96
CA VAL E 19 13.48 -57.46 12.19
C VAL E 19 11.99 -57.41 11.85
N LYS E 20 11.67 -57.50 10.56
CA LYS E 20 10.28 -57.61 10.15
C LYS E 20 9.78 -59.04 10.35
N CYS E 21 8.64 -59.14 10.99
CA CYS E 21 8.08 -60.40 11.30
C CYS E 21 6.58 -60.33 11.41
N ASN E 22 5.98 -61.48 11.65
CA ASN E 22 4.53 -61.62 11.63
C ASN E 22 4.03 -62.19 12.96
N THR E 23 2.89 -61.72 13.42
CA THR E 23 2.41 -62.17 14.76
C THR E 23 2.16 -63.71 14.91
N ASP E 24 1.99 -64.42 13.79
CA ASP E 24 1.87 -65.88 13.81
C ASP E 24 3.21 -66.59 13.93
N ASP E 25 4.32 -65.92 13.58
CA ASP E 25 5.62 -66.52 13.78
C ASP E 25 5.76 -66.97 15.22
N THR E 26 6.49 -68.06 15.41
CA THR E 26 6.95 -68.41 16.73
C THR E 26 8.23 -67.68 17.11
N ILE E 27 8.56 -67.77 18.37
CA ILE E 27 9.76 -67.15 18.90
C ILE E 27 10.91 -67.85 18.23
N GLY E 28 10.77 -69.17 17.99
CA GLY E 28 11.87 -69.97 17.33
C GLY E 28 12.15 -69.46 15.93
N ASP E 29 11.09 -69.11 15.22
CA ASP E 29 11.12 -68.56 13.92
C ASP E 29 11.75 -67.15 13.86
N LEU E 30 11.44 -66.33 14.87
CA LEU E 30 12.03 -65.01 15.00
C LEU E 30 13.49 -65.17 15.20
N LYS E 31 13.85 -66.14 16.00
CA LYS E 31 15.24 -66.42 16.27
C LYS E 31 15.99 -66.82 15.01
N LYS E 32 15.30 -67.56 14.13
CA LYS E 32 15.90 -67.89 12.83
C LYS E 32 16.24 -66.63 12.03
N LEU E 33 15.28 -65.73 11.90
CA LEU E 33 15.52 -64.43 11.27
C LEU E 33 16.61 -63.61 11.90
N ILE E 34 16.59 -63.49 13.23
CA ILE E 34 17.63 -62.79 13.95
C ILE E 34 19.02 -63.36 13.63
N ALA E 35 19.10 -64.70 13.70
CA ALA E 35 20.38 -65.35 13.48
C ALA E 35 20.91 -65.09 12.09
N ALA E 36 20.04 -65.16 11.08
CA ALA E 36 20.51 -64.98 9.71
C ALA E 36 20.88 -63.54 9.46
N GLN E 37 20.30 -62.63 10.23
CA GLN E 37 20.55 -61.24 9.99
C GLN E 37 21.72 -60.76 10.80
N THR E 38 22.25 -61.62 11.71
CA THR E 38 23.30 -61.23 12.63
C THR E 38 24.51 -62.14 12.54
N GLY E 39 24.47 -63.12 11.65
CA GLY E 39 25.59 -63.99 11.50
C GLY E 39 25.76 -65.00 12.58
N THR E 40 24.70 -65.27 13.37
CA THR E 40 24.78 -66.32 14.39
C THR E 40 23.90 -67.54 14.08
N ARG E 41 23.72 -68.43 15.07
CA ARG E 41 22.82 -69.59 14.96
C ARG E 41 21.67 -69.45 15.93
N TRP E 42 20.52 -69.94 15.53
CA TRP E 42 19.29 -69.63 16.22
C TRP E 42 19.29 -70.18 17.65
N ASN E 43 20.17 -71.16 17.88
CA ASN E 43 20.26 -71.87 19.14
C ASN E 43 21.32 -71.24 20.05
N LYS E 44 22.17 -70.36 19.50
CA LYS E 44 22.98 -69.52 20.34
C LYS E 44 22.20 -68.36 21.00
N ILE E 45 20.89 -68.24 20.76
CA ILE E 45 20.14 -67.00 21.03
C ILE E 45 19.01 -67.21 22.04
N VAL E 46 18.98 -66.36 23.08
CA VAL E 46 17.85 -66.26 24.00
C VAL E 46 17.18 -64.87 23.94
N LEU E 47 15.86 -64.83 23.90
CA LEU E 47 15.11 -63.58 23.89
C LEU E 47 14.39 -63.40 25.20
N LYS E 48 14.51 -62.21 25.83
CA LYS E 48 13.85 -61.95 27.11
C LYS E 48 13.19 -60.60 27.05
N LYS E 49 12.22 -60.38 27.91
CA LYS E 49 11.81 -59.03 28.23
C LYS E 49 11.55 -59.00 29.72
N TRP E 50 12.43 -58.31 30.42
CA TRP E 50 12.33 -58.07 31.87
C TRP E 50 12.55 -59.41 32.59
N TYR E 51 11.48 -60.06 33.06
CA TYR E 51 11.58 -61.31 33.81
C TYR E 51 11.16 -62.53 32.98
N THR E 52 10.74 -62.34 31.71
CA THR E 52 10.17 -63.38 30.91
C THR E 52 11.19 -63.82 29.86
N ILE E 53 11.50 -65.11 29.85
CA ILE E 53 12.26 -65.77 28.78
C ILE E 53 11.26 -66.39 27.85
N PHE E 54 11.25 -65.95 26.60
CA PHE E 54 10.18 -66.31 25.73
C PHE E 54 10.48 -67.72 25.18
N LYS E 55 9.44 -68.52 25.00
CA LYS E 55 9.65 -69.92 24.69
C LYS E 55 9.48 -70.06 23.21
N ASP E 56 10.39 -70.84 22.64
CA ASP E 56 10.48 -71.02 21.18
C ASP E 56 9.21 -71.40 20.51
N HIS E 57 8.36 -72.17 21.19
CA HIS E 57 7.18 -72.68 20.50
C HIS E 57 6.01 -71.73 20.43
N VAL E 58 6.04 -70.63 21.17
CA VAL E 58 4.86 -69.75 21.28
C VAL E 58 4.88 -68.64 20.26
N SER E 59 3.72 -68.27 19.74
CA SER E 59 3.66 -67.25 18.77
C SER E 59 3.97 -65.88 19.39
N LEU E 60 4.44 -64.97 18.55
CA LEU E 60 4.64 -63.60 18.97
C LEU E 60 3.35 -62.98 19.47
N GLY E 61 2.30 -63.15 18.68
CA GLY E 61 1.01 -62.56 18.99
C GLY E 61 0.48 -63.01 20.35
N ASP E 62 0.73 -64.28 20.69
CA ASP E 62 0.33 -64.80 22.01
C ASP E 62 1.17 -64.22 23.11
N TYR E 63 2.34 -63.69 22.79
CA TYR E 63 3.15 -63.02 23.80
C TYR E 63 2.92 -61.51 23.83
N GLU E 64 2.07 -61.05 22.92
CA GLU E 64 1.74 -59.65 22.85
C GLU E 64 2.94 -58.84 22.37
N ILE E 65 3.79 -59.49 21.60
CA ILE E 65 4.92 -58.83 21.01
C ILE E 65 4.39 -57.96 19.90
N HIS E 66 4.87 -56.73 19.77
CA HIS E 66 4.24 -55.70 18.94
C HIS E 66 5.28 -54.85 18.25
N ASP E 67 4.82 -54.13 17.24
CA ASP E 67 5.66 -53.26 16.46
C ASP E 67 6.34 -52.24 17.38
N GLY E 68 7.65 -52.11 17.20
CA GLY E 68 8.44 -51.24 18.01
C GLY E 68 9.00 -51.84 19.26
N MET E 69 8.52 -52.97 19.68
CA MET E 69 9.01 -53.53 20.93
C MET E 69 10.52 -53.80 20.90
N ASN E 70 11.19 -53.46 22.00
CA ASN E 70 12.57 -53.76 22.21
C ASN E 70 12.68 -55.03 23.00
N LEU E 71 13.26 -56.04 22.36
CA LEU E 71 13.48 -57.34 23.03
C LEU E 71 14.91 -57.40 23.46
N GLU E 72 15.15 -58.14 24.54
CA GLU E 72 16.48 -58.27 25.10
C GLU E 72 17.10 -59.57 24.55
N LEU E 73 18.18 -59.44 23.79
CA LEU E 73 18.85 -60.57 23.20
C LEU E 73 20.11 -60.97 23.98
N TYR E 74 20.13 -62.25 24.32
CA TYR E 74 21.22 -62.86 25.04
C TYR E 74 21.77 -64.05 24.22
N TYR E 75 23.06 -64.31 24.41
CA TYR E 75 23.69 -65.44 23.76
C TYR E 75 24.05 -66.56 24.73
N GLN E 76 23.86 -67.80 24.27
CA GLN E 76 24.23 -69.03 24.97
C GLN E 76 25.56 -69.52 24.44
N SER F 1 17.59 -53.72 8.90
CA SER F 1 16.22 -53.33 8.39
C SER F 1 16.12 -53.60 6.92
N LEU F 2 16.02 -54.87 6.69
CA LEU F 2 15.69 -55.31 5.39
C LEU F 2 14.29 -54.79 5.02
N SER F 3 14.09 -54.55 3.74
CA SER F 3 12.74 -54.22 3.23
C SER F 3 11.85 -55.43 3.39
N ILE F 4 10.54 -55.21 3.26
CA ILE F 4 9.57 -56.26 3.17
C ILE F 4 10.04 -57.31 2.13
N GLU F 5 10.40 -56.88 0.92
CA GLU F 5 10.80 -57.83 -0.16
C GLU F 5 12.03 -58.63 0.23
N GLU F 6 13.01 -57.95 0.82
CA GLU F 6 14.25 -58.62 1.20
C GLU F 6 13.93 -59.57 2.33
N THR F 7 13.08 -59.17 3.27
CA THR F 7 12.74 -60.05 4.34
C THR F 7 11.99 -61.28 3.81
N ASN F 8 11.14 -61.13 2.82
CA ASN F 8 10.41 -62.33 2.33
C ASN F 8 11.34 -63.36 1.67
N LYS F 9 12.34 -62.83 0.99
CA LYS F 9 13.33 -63.64 0.30
C LYS F 9 14.10 -64.42 1.33
N LEU F 10 14.43 -63.74 2.42
CA LEU F 10 15.13 -64.41 3.50
C LEU F 10 14.24 -65.44 4.22
N ARG F 11 13.00 -65.07 4.55
CA ARG F 11 12.09 -66.00 5.16
C ARG F 11 11.93 -67.25 4.25
N ALA F 12 11.88 -67.08 2.93
CA ALA F 12 11.76 -68.26 2.04
C ALA F 12 12.95 -69.21 2.22
N LYS F 13 14.16 -68.68 2.33
CA LYS F 13 15.38 -69.46 2.50
C LYS F 13 15.49 -70.08 3.91
N LEU F 14 14.69 -69.65 4.86
CA LEU F 14 14.78 -70.14 6.23
C LEU F 14 13.71 -71.17 6.54
N GLY F 15 12.81 -71.40 5.59
CA GLY F 15 11.69 -72.32 5.78
C GLY F 15 10.49 -71.69 6.41
N LEU F 16 10.31 -70.37 6.22
CA LEU F 16 9.22 -69.66 6.90
C LEU F 16 8.23 -69.24 5.86
N LYS F 17 6.98 -69.10 6.25
CA LYS F 17 5.98 -68.54 5.30
C LYS F 17 6.28 -67.06 4.98
N PRO F 18 5.65 -66.53 3.94
CA PRO F 18 5.74 -65.10 3.73
C PRO F 18 5.19 -64.25 4.90
N LEU F 19 5.67 -63.01 4.94
CA LEU F 19 5.30 -62.03 5.95
C LEU F 19 3.80 -61.74 5.88
N HIS G 3 -4.83 -3.09 14.88
CA HIS G 3 -4.16 -1.92 14.24
C HIS G 3 -2.69 -1.63 14.71
N MET G 4 -2.07 -0.61 14.11
CA MET G 4 -0.65 -0.34 14.28
C MET G 4 -0.38 0.78 15.28
N ILE G 5 0.61 0.56 16.12
CA ILE G 5 1.07 1.55 17.11
C ILE G 5 2.58 1.63 17.00
N GLU G 6 3.16 2.69 17.53
CA GLU G 6 4.60 2.78 17.60
C GLU G 6 5.00 2.89 19.05
N VAL G 7 5.83 1.97 19.49
CA VAL G 7 6.25 1.77 20.87
C VAL G 7 7.71 2.24 20.92
N VAL G 8 8.14 2.81 22.05
CA VAL G 8 9.55 3.21 22.25
C VAL G 8 10.22 2.33 23.33
N CYS G 9 11.24 1.57 22.97
CA CYS G 9 11.94 0.67 23.88
C CYS G 9 13.26 1.31 24.34
N ASN G 10 13.43 1.53 25.66
CA ASN G 10 14.58 2.22 26.26
C ASN G 10 15.31 1.28 27.19
N ASP G 11 16.62 1.16 27.07
CA ASP G 11 17.35 0.32 28.00
C ASP G 11 17.93 1.18 29.10
N ARG G 12 18.65 0.55 30.06
CA ARG G 12 19.17 1.25 31.28
C ARG G 12 20.11 2.39 30.88
N LEU G 13 20.89 2.17 29.83
CA LEU G 13 21.87 3.17 29.38
C LEU G 13 21.25 4.27 28.50
N GLY G 14 19.94 4.24 28.32
CA GLY G 14 19.23 5.25 27.53
C GLY G 14 19.21 5.08 26.02
N LYS G 15 19.72 3.95 25.49
CA LYS G 15 19.49 3.63 24.06
C LYS G 15 18.00 3.43 23.83
N LYS G 16 17.51 3.93 22.71
CA LYS G 16 16.08 3.94 22.43
C LYS G 16 15.86 3.41 21.04
N VAL G 17 14.83 2.59 20.87
CA VAL G 17 14.38 2.19 19.53
C VAL G 17 12.86 2.29 19.44
N ARG G 18 12.41 2.91 18.36
CA ARG G 18 10.99 3.09 18.08
C ARG G 18 10.55 1.92 17.19
N VAL G 19 9.49 1.23 17.56
CA VAL G 19 9.11 0.05 16.82
C VAL G 19 7.66 0.09 16.39
N LYS G 20 7.43 0.00 15.07
CA LYS G 20 6.10 -0.15 14.55
C LYS G 20 5.65 -1.59 14.72
N CYS G 21 4.45 -1.74 15.28
CA CYS G 21 3.86 -3.05 15.61
C CYS G 21 2.34 -3.00 15.58
N ASN G 22 1.73 -4.17 15.77
CA ASN G 22 0.29 -4.32 15.66
C ASN G 22 -0.24 -4.78 17.03
N THR G 23 -1.40 -4.27 17.42
CA THR G 23 -1.89 -4.56 18.76
C THR G 23 -2.17 -6.06 18.97
N ASP G 24 -2.30 -6.83 17.88
CA ASP G 24 -2.47 -8.28 17.96
C ASP G 24 -1.16 -9.04 17.97
N ASP G 25 -0.04 -8.40 17.65
CA ASP G 25 1.26 -9.06 17.87
C ASP G 25 1.33 -9.47 19.32
N THR G 26 2.08 -10.53 19.58
CA THR G 26 2.42 -10.90 20.91
C THR G 26 3.66 -10.15 21.39
N ILE G 27 3.97 -10.27 22.69
CA ILE G 27 5.14 -9.68 23.25
C ILE G 27 6.33 -10.34 22.60
N GLY G 28 6.19 -11.64 22.27
CA GLY G 28 7.31 -12.44 21.72
C GLY G 28 7.72 -11.90 20.35
N ASP G 29 6.73 -11.63 19.54
CA ASP G 29 6.80 -11.02 18.27
C ASP G 29 7.45 -9.65 18.33
N LEU G 30 7.06 -8.86 19.35
CA LEU G 30 7.62 -7.56 19.54
C LEU G 30 9.10 -7.66 19.81
N LYS G 31 9.47 -8.52 20.75
CA LYS G 31 10.85 -8.87 21.02
C LYS G 31 11.60 -9.27 19.74
N LYS G 32 10.98 -10.02 18.86
CA LYS G 32 11.69 -10.37 17.60
C LYS G 32 12.04 -9.09 16.80
N LEU G 33 11.06 -8.21 16.65
CA LEU G 33 11.29 -6.95 15.97
C LEU G 33 12.36 -6.13 16.63
N ILE G 34 12.29 -6.02 17.96
CA ILE G 34 13.27 -5.29 18.72
C ILE G 34 14.65 -5.90 18.52
N ALA G 35 14.72 -7.22 18.66
CA ALA G 35 16.01 -7.93 18.58
C ALA G 35 16.71 -7.60 17.27
N ALA G 36 15.98 -7.70 16.18
CA ALA G 36 16.54 -7.42 14.85
C ALA G 36 16.90 -5.96 14.63
N GLN G 37 16.17 -5.04 15.24
CA GLN G 37 16.55 -3.65 15.11
C GLN G 37 17.68 -3.22 15.99
N THR G 38 18.16 -4.11 16.87
CA THR G 38 19.14 -3.70 17.86
C THR G 38 20.36 -4.60 17.90
N GLY G 39 20.47 -5.56 16.97
CA GLY G 39 21.57 -6.55 16.97
C GLY G 39 21.58 -7.53 18.14
N THR G 40 20.45 -7.75 18.80
CA THR G 40 20.41 -8.71 19.89
C THR G 40 19.64 -9.97 19.46
N ARG G 41 19.36 -10.86 20.43
CA ARG G 41 18.58 -12.09 20.17
C ARG G 41 17.28 -11.98 20.93
N TRP G 42 16.16 -12.36 20.32
CA TRP G 42 14.85 -12.28 20.99
C TRP G 42 14.76 -13.29 22.14
N ASN G 43 15.85 -13.50 22.85
CA ASN G 43 15.97 -14.47 23.93
C ASN G 43 16.85 -13.85 25.03
N LYS G 44 17.91 -13.16 24.66
CA LYS G 44 18.59 -12.26 25.58
C LYS G 44 17.78 -11.01 26.03
N ILE G 45 16.50 -10.87 25.62
CA ILE G 45 15.71 -9.60 25.83
C ILE G 45 14.54 -9.75 26.84
N VAL G 46 14.46 -8.82 27.79
CA VAL G 46 13.32 -8.77 28.74
C VAL G 46 12.60 -7.45 28.58
N LEU G 47 11.30 -7.48 28.51
CA LEU G 47 10.52 -6.26 28.41
C LEU G 47 9.69 -6.04 29.66
N LYS G 48 9.66 -4.80 30.15
CA LYS G 48 9.10 -4.48 31.44
C LYS G 48 8.44 -3.10 31.43
N LYS G 49 7.52 -2.90 32.35
CA LYS G 49 7.12 -1.57 32.69
C LYS G 49 6.82 -1.50 34.17
N TRP G 50 7.61 -0.71 34.88
CA TRP G 50 7.45 -0.54 36.31
C TRP G 50 7.60 -1.91 36.97
N TYR G 51 6.50 -2.52 37.44
CA TYR G 51 6.58 -3.82 38.13
C TYR G 51 6.15 -5.01 37.28
N THR G 52 5.78 -4.76 36.03
CA THR G 52 5.25 -5.80 35.20
C THR G 52 6.33 -6.28 34.24
N ILE G 53 6.66 -7.56 34.35
CA ILE G 53 7.37 -8.25 33.27
C ILE G 53 6.35 -8.85 32.31
N PHE G 54 6.39 -8.35 31.08
CA PHE G 54 5.45 -8.77 30.08
C PHE G 54 5.81 -10.21 29.60
N LYS G 55 4.78 -11.02 29.34
CA LYS G 55 4.99 -12.43 29.06
C LYS G 55 4.84 -12.60 27.58
N ASP G 56 5.68 -13.47 27.02
CA ASP G 56 5.81 -13.64 25.59
C ASP G 56 4.55 -13.92 24.85
N HIS G 57 3.59 -14.61 25.46
CA HIS G 57 2.46 -15.10 24.69
C HIS G 57 1.25 -14.21 24.73
N VAL G 58 1.34 -13.11 25.43
CA VAL G 58 0.21 -12.20 25.52
C VAL G 58 0.33 -11.12 24.47
N SER G 59 -0.80 -10.66 23.97
CA SER G 59 -0.82 -9.69 22.92
C SER G 59 -0.58 -8.29 23.50
N LEU G 60 -0.05 -7.43 22.66
CA LEU G 60 0.19 -6.04 23.01
C LEU G 60 -1.09 -5.43 23.57
N GLY G 61 -2.15 -5.58 22.78
CA GLY G 61 -3.48 -5.06 23.08
C GLY G 61 -4.02 -5.48 24.43
N ASP G 62 -3.83 -6.75 24.79
CA ASP G 62 -4.33 -7.29 26.08
C ASP G 62 -3.51 -6.73 27.25
N TYR G 63 -2.37 -6.11 26.95
CA TYR G 63 -1.52 -5.46 27.97
C TYR G 63 -1.74 -3.95 27.92
N GLU G 64 -2.62 -3.55 27.02
CA GLU G 64 -3.04 -2.17 26.88
C GLU G 64 -1.84 -1.33 26.47
N ILE G 65 -0.88 -1.98 25.82
CA ILE G 65 0.28 -1.31 25.27
C ILE G 65 -0.17 -0.44 24.11
N HIS G 66 0.39 0.75 24.00
CA HIS G 66 -0.22 1.77 23.12
C HIS G 66 0.80 2.63 22.45
N ASP G 67 0.29 3.42 21.51
CA ASP G 67 1.11 4.33 20.71
C ASP G 67 1.79 5.33 21.61
N GLY G 68 3.12 5.34 21.56
CA GLY G 68 3.91 6.28 22.29
C GLY G 68 4.44 5.74 23.57
N MET G 69 4.03 4.54 23.91
CA MET G 69 4.38 3.99 25.23
C MET G 69 5.87 3.68 25.29
N ASN G 70 6.51 4.08 26.37
CA ASN G 70 7.92 3.77 26.62
C ASN G 70 8.02 2.47 27.40
N LEU G 71 8.59 1.44 26.78
CA LEU G 71 8.79 0.12 27.42
C LEU G 71 10.23 -0.01 27.87
N GLU G 72 10.44 -0.60 29.03
CA GLU G 72 11.78 -0.76 29.52
C GLU G 72 12.30 -2.05 28.98
N LEU G 73 13.57 -2.00 28.58
CA LEU G 73 14.33 -3.10 27.96
C LEU G 73 15.50 -3.50 28.83
N TYR G 74 15.54 -4.79 29.22
CA TYR G 74 16.65 -5.39 29.96
C TYR G 74 17.14 -6.61 29.19
N TYR G 75 18.42 -6.93 29.34
CA TYR G 75 19.04 -8.10 28.67
C TYR G 75 19.40 -9.17 29.68
N GLN G 76 19.58 -10.38 29.20
CA GLN G 76 20.06 -11.48 30.05
C GLN G 76 20.88 -12.46 29.23
N SER H 1 13.42 3.62 13.82
CA SER H 1 12.45 4.49 13.08
C SER H 1 12.24 4.03 11.62
N LEU H 2 12.00 2.74 11.43
CA LEU H 2 11.69 2.22 10.11
C LEU H 2 10.35 2.70 9.66
N SER H 3 10.24 2.87 8.36
CA SER H 3 9.00 3.23 7.76
C SER H 3 8.08 2.02 7.86
N ILE H 4 6.81 2.27 7.58
CA ILE H 4 5.84 1.18 7.41
C ILE H 4 6.32 0.13 6.39
N GLU H 5 6.72 0.56 5.20
CA GLU H 5 7.16 -0.39 4.15
C GLU H 5 8.32 -1.23 4.67
N GLU H 6 9.31 -0.56 5.24
CA GLU H 6 10.50 -1.22 5.74
C GLU H 6 10.19 -2.17 6.90
N THR H 7 9.26 -1.79 7.79
CA THR H 7 8.91 -2.60 8.96
C THR H 7 8.19 -3.85 8.45
N ASN H 8 7.35 -3.68 7.45
CA ASN H 8 6.73 -4.82 6.84
C ASN H 8 7.66 -5.80 6.18
N LYS H 9 8.70 -5.29 5.53
CA LYS H 9 9.72 -6.15 4.93
C LYS H 9 10.40 -6.95 6.02
N LEU H 10 10.74 -6.29 7.15
CA LEU H 10 11.37 -6.98 8.27
C LEU H 10 10.39 -8.01 8.86
N ARG H 11 9.15 -7.62 9.02
CA ARG H 11 8.18 -8.50 9.62
C ARG H 11 8.11 -9.81 8.83
N ALA H 12 8.07 -9.67 7.50
CA ALA H 12 8.01 -10.83 6.61
C ALA H 12 9.17 -11.73 6.79
N LYS H 13 10.35 -11.16 6.98
CA LYS H 13 11.55 -11.94 7.24
C LYS H 13 11.68 -12.58 8.62
N LEU H 14 10.87 -12.14 9.57
CA LEU H 14 10.90 -12.66 10.92
C LEU H 14 9.76 -13.68 11.10
N GLY H 15 8.93 -13.85 10.07
CA GLY H 15 7.76 -14.71 10.16
C GLY H 15 6.54 -14.11 10.84
N LEU H 16 6.42 -12.78 10.82
CA LEU H 16 5.27 -12.07 11.34
C LEU H 16 4.36 -11.68 10.20
N LYS H 17 3.08 -11.50 10.50
CA LYS H 17 2.11 -10.97 9.54
C LYS H 17 2.37 -9.51 9.31
N PRO H 18 1.83 -8.98 8.20
CA PRO H 18 1.97 -7.53 7.93
C PRO H 18 1.34 -6.65 9.01
N LEU H 19 1.84 -5.42 9.13
CA LEU H 19 1.30 -4.46 10.06
C LEU H 19 -0.17 -4.27 9.95
N SER I 2 -33.15 -36.87 3.09
CA SER I 2 -34.57 -37.25 2.93
C SER I 2 -35.50 -36.07 2.70
N HIS I 3 -35.20 -34.88 3.26
CA HIS I 3 -35.86 -33.63 2.80
C HIS I 3 -35.19 -32.29 3.22
N MET I 4 -35.64 -31.22 2.56
CA MET I 4 -35.01 -29.92 2.69
C MET I 4 -35.55 -29.17 3.90
N ILE I 5 -34.68 -28.49 4.62
CA ILE I 5 -35.10 -27.57 5.66
C ILE I 5 -34.28 -26.32 5.57
N GLU I 6 -34.73 -25.27 6.26
CA GLU I 6 -33.92 -24.05 6.30
C GLU I 6 -33.69 -23.65 7.73
N VAL I 7 -32.42 -23.52 8.11
CA VAL I 7 -32.05 -23.20 9.49
C VAL I 7 -31.45 -21.84 9.49
N VAL I 8 -31.50 -21.20 10.64
CA VAL I 8 -30.89 -19.89 10.82
C VAL I 8 -29.81 -20.02 11.83
N CYS I 9 -28.61 -19.52 11.49
CA CYS I 9 -27.44 -19.60 12.41
C CYS I 9 -27.11 -18.19 12.90
N ASN I 10 -27.01 -18.02 14.22
CA ASN I 10 -26.86 -16.72 14.85
C ASN I 10 -25.62 -16.73 15.68
N ASP I 11 -24.83 -15.68 15.59
CA ASP I 11 -23.70 -15.53 16.49
C ASP I 11 -23.98 -14.45 17.54
N ARG I 12 -23.06 -14.30 18.48
CA ARG I 12 -23.32 -13.36 19.58
C ARG I 12 -23.17 -11.90 19.15
N LEU I 13 -22.54 -11.67 18.00
CA LEU I 13 -22.37 -10.30 17.53
C LEU I 13 -23.65 -9.87 16.81
N GLY I 14 -24.62 -10.77 16.67
CA GLY I 14 -25.86 -10.40 15.97
C GLY I 14 -25.82 -10.76 14.48
N LYS I 15 -24.81 -11.48 14.04
CA LYS I 15 -24.83 -11.92 12.64
C LYS I 15 -25.81 -13.09 12.47
N LYS I 16 -26.45 -13.16 11.29
CA LYS I 16 -27.41 -14.20 11.01
C LYS I 16 -27.18 -14.74 9.62
N VAL I 17 -27.37 -16.05 9.43
CA VAL I 17 -27.38 -16.60 8.08
C VAL I 17 -28.44 -17.66 7.99
N ARG I 18 -29.30 -17.56 6.96
CA ARG I 18 -30.28 -18.56 6.65
C ARG I 18 -29.65 -19.57 5.65
N VAL I 19 -29.80 -20.88 5.94
CA VAL I 19 -29.10 -21.94 5.19
C VAL I 19 -30.03 -23.06 4.83
N LYS I 20 -30.17 -23.31 3.52
CA LYS I 20 -30.93 -24.44 3.03
C LYS I 20 -30.11 -25.70 3.15
N CYS I 21 -30.69 -26.76 3.73
CA CYS I 21 -29.98 -28.00 3.88
C CYS I 21 -30.89 -29.19 3.88
N ASN I 22 -30.29 -30.35 4.05
CA ASN I 22 -31.01 -31.59 3.97
C ASN I 22 -30.89 -32.35 5.28
N THR I 23 -31.97 -32.99 5.70
CA THR I 23 -31.89 -33.74 6.97
C THR I 23 -30.84 -34.89 7.00
N ASP I 24 -30.34 -35.35 5.84
CA ASP I 24 -29.30 -36.38 5.83
C ASP I 24 -27.93 -35.78 5.89
N ASP I 25 -27.84 -34.47 5.62
CA ASP I 25 -26.60 -33.75 5.86
C ASP I 25 -26.13 -34.09 7.26
N THR I 26 -24.82 -34.13 7.43
CA THR I 26 -24.27 -34.24 8.73
C THR I 26 -24.02 -32.81 9.25
N ILE I 27 -23.78 -32.68 10.54
CA ILE I 27 -23.40 -31.39 11.09
C ILE I 27 -22.16 -30.82 10.42
N GLY I 28 -21.16 -31.66 10.19
CA GLY I 28 -19.99 -31.23 9.49
C GLY I 28 -20.30 -30.76 8.08
N ASP I 29 -21.20 -31.45 7.35
CA ASP I 29 -21.66 -30.96 6.04
C ASP I 29 -22.22 -29.58 6.18
N LEU I 30 -23.15 -29.41 7.13
CA LEU I 30 -23.77 -28.06 7.33
C LEU I 30 -22.78 -26.96 7.66
N LYS I 31 -21.80 -27.23 8.53
CA LYS I 31 -20.71 -26.29 8.78
C LYS I 31 -20.01 -25.88 7.49
N LYS I 32 -19.86 -26.84 6.58
CA LYS I 32 -19.14 -26.51 5.33
C LYS I 32 -19.92 -25.51 4.49
N LEU I 33 -21.23 -25.73 4.44
CA LEU I 33 -22.12 -24.84 3.71
C LEU I 33 -22.19 -23.45 4.39
N ILE I 34 -22.29 -23.45 5.73
CA ILE I 34 -22.26 -22.19 6.47
C ILE I 34 -21.03 -21.38 6.14
N ALA I 35 -19.89 -22.03 6.27
CA ALA I 35 -18.59 -21.41 6.07
C ALA I 35 -18.48 -20.69 4.70
N ALA I 36 -18.92 -21.43 3.67
CA ALA I 36 -18.99 -20.92 2.30
C ALA I 36 -19.86 -19.67 2.23
N GLN I 37 -21.01 -19.72 2.89
CA GLN I 37 -21.91 -18.58 2.84
C GLN I 37 -21.37 -17.41 3.64
N THR I 38 -20.65 -17.68 4.73
CA THR I 38 -20.29 -16.60 5.63
C THR I 38 -18.82 -16.14 5.54
N GLY I 39 -18.05 -16.78 4.67
CA GLY I 39 -16.67 -16.35 4.47
C GLY I 39 -15.81 -16.81 5.60
N THR I 40 -16.09 -17.99 6.10
CA THR I 40 -15.58 -18.42 7.37
C THR I 40 -14.91 -19.83 7.16
N ARG I 41 -14.19 -20.36 8.16
CA ARG I 41 -13.55 -21.69 8.06
C ARG I 41 -14.35 -22.73 8.82
N TRP I 42 -14.81 -23.77 8.10
CA TRP I 42 -15.72 -24.76 8.65
C TRP I 42 -15.19 -25.47 9.89
N ASN I 43 -13.87 -25.58 10.01
CA ASN I 43 -13.22 -26.30 11.10
C ASN I 43 -13.12 -25.44 12.36
N LYS I 44 -13.49 -24.17 12.26
CA LYS I 44 -13.44 -23.29 13.42
C LYS I 44 -14.87 -22.97 13.92
N ILE I 45 -15.87 -23.53 13.28
CA ILE I 45 -17.27 -23.28 13.66
C ILE I 45 -17.76 -24.26 14.70
N VAL I 46 -18.35 -23.73 15.76
CA VAL I 46 -18.99 -24.58 16.76
C VAL I 46 -20.49 -24.30 16.62
N LEU I 47 -21.30 -25.33 16.41
CA LEU I 47 -22.76 -25.22 16.44
C LEU I 47 -23.34 -25.79 17.70
N LYS I 48 -24.28 -25.06 18.30
CA LYS I 48 -24.77 -25.33 19.64
C LYS I 48 -26.23 -25.01 19.73
N LYS I 49 -26.95 -25.77 20.54
CA LYS I 49 -28.27 -25.28 20.98
C LYS I 49 -28.35 -25.50 22.47
N TRP I 50 -28.48 -24.40 23.22
CA TRP I 50 -28.68 -24.51 24.66
C TRP I 50 -27.41 -25.14 25.21
N TYR I 51 -27.47 -26.39 25.61
CA TYR I 51 -26.34 -27.05 26.24
C TYR I 51 -25.73 -28.10 25.34
N THR I 52 -26.23 -28.24 24.11
CA THR I 52 -25.77 -29.36 23.27
C THR I 52 -24.85 -28.80 22.19
N ILE I 53 -23.60 -29.29 22.13
CA ILE I 53 -22.69 -29.01 21.02
C ILE I 53 -22.87 -30.12 20.01
N PHE I 54 -23.25 -29.76 18.80
CA PHE I 54 -23.58 -30.77 17.80
C PHE I 54 -22.29 -31.38 17.27
N LYS I 55 -22.27 -32.71 17.20
CA LYS I 55 -21.04 -33.43 16.82
C LYS I 55 -21.12 -33.58 15.29
N ASP I 56 -19.96 -33.47 14.62
CA ASP I 56 -19.94 -33.37 13.15
C ASP I 56 -20.40 -34.56 12.39
N HIS I 57 -20.25 -35.74 12.97
CA HIS I 57 -20.53 -36.96 12.20
C HIS I 57 -22.01 -37.34 12.27
N VAL I 58 -22.82 -36.61 13.08
CA VAL I 58 -24.24 -36.94 13.21
C VAL I 58 -25.08 -36.17 12.18
N SER I 59 -26.12 -36.81 11.68
CA SER I 59 -27.05 -36.18 10.73
C SER I 59 -27.99 -35.15 11.42
N LEU I 60 -28.51 -34.25 10.61
CA LEU I 60 -29.35 -33.17 11.11
C LEU I 60 -30.63 -33.80 11.68
N GLY I 61 -31.23 -34.70 10.92
CA GLY I 61 -32.48 -35.37 11.32
C GLY I 61 -32.35 -36.17 12.61
N ASP I 62 -31.15 -36.71 12.85
CA ASP I 62 -30.81 -37.47 14.04
C ASP I 62 -30.74 -36.58 15.28
N TYR I 63 -30.32 -35.35 15.08
CA TYR I 63 -30.40 -34.34 16.11
C TYR I 63 -31.77 -33.64 16.16
N GLU I 64 -32.69 -33.98 15.28
CA GLU I 64 -34.03 -33.39 15.21
C GLU I 64 -33.95 -31.90 14.85
N ILE I 65 -32.95 -31.57 14.07
CA ILE I 65 -32.81 -30.24 13.58
C ILE I 65 -33.91 -30.06 12.51
N HIS I 66 -34.55 -28.90 12.47
CA HIS I 66 -35.73 -28.72 11.70
C HIS I 66 -35.84 -27.35 11.05
N ASP I 67 -36.76 -27.27 10.10
CA ASP I 67 -37.07 -26.03 9.41
C ASP I 67 -37.42 -24.91 10.42
N GLY I 68 -36.82 -23.74 10.27
CA GLY I 68 -37.00 -22.66 11.18
C GLY I 68 -36.13 -22.68 12.44
N MET I 69 -35.39 -23.74 12.70
CA MET I 69 -34.54 -23.78 13.90
C MET I 69 -33.47 -22.69 13.94
N ASN I 70 -33.30 -22.09 15.11
CA ASN I 70 -32.17 -21.15 15.26
C ASN I 70 -31.06 -21.86 15.97
N LEU I 71 -29.89 -21.91 15.36
CA LEU I 71 -28.69 -22.57 15.93
C LEU I 71 -27.77 -21.49 16.41
N GLU I 72 -26.98 -21.77 17.45
CA GLU I 72 -26.12 -20.81 17.94
C GLU I 72 -24.77 -21.10 17.31
N LEU I 73 -24.09 -20.04 16.88
CA LEU I 73 -22.75 -20.18 16.25
C LEU I 73 -21.65 -19.49 17.05
N TYR I 74 -20.65 -20.29 17.41
CA TYR I 74 -19.49 -19.80 18.14
C TYR I 74 -18.29 -20.03 17.23
N TYR I 75 -17.63 -18.94 16.83
CA TYR I 75 -16.57 -19.05 15.84
C TYR I 75 -15.30 -19.29 16.56
N GLN I 76 -14.99 -20.58 16.76
CA GLN I 76 -13.96 -21.07 17.67
C GLN I 76 -13.94 -20.33 19.00
N SER J 1 -32.14 -15.76 1.93
CA SER J 1 -30.73 -15.84 1.46
C SER J 1 -30.66 -16.53 0.06
N LEU J 2 -30.21 -17.77 -0.02
CA LEU J 2 -29.85 -18.36 -1.31
C LEU J 2 -30.98 -19.21 -1.87
N SER J 3 -31.23 -19.18 -3.20
CA SER J 3 -32.23 -20.07 -3.80
C SER J 3 -31.83 -21.48 -3.67
N ILE J 4 -32.76 -22.38 -3.99
CA ILE J 4 -32.46 -23.80 -4.03
C ILE J 4 -31.30 -24.04 -5.01
N GLU J 5 -31.47 -23.47 -6.19
CA GLU J 5 -30.49 -23.66 -7.28
C GLU J 5 -29.11 -23.13 -6.91
N GLU J 6 -29.06 -21.92 -6.33
CA GLU J 6 -27.78 -21.40 -5.89
C GLU J 6 -27.17 -22.27 -4.81
N THR J 7 -28.01 -22.82 -3.93
CA THR J 7 -27.49 -23.59 -2.83
C THR J 7 -26.97 -24.89 -3.42
N ASN J 8 -27.74 -25.50 -4.35
CA ASN J 8 -27.25 -26.69 -5.06
C ASN J 8 -25.89 -26.56 -5.73
N LYS J 9 -25.62 -25.42 -6.35
CA LYS J 9 -24.31 -25.19 -7.01
C LYS J 9 -23.18 -25.15 -6.00
N LEU J 10 -23.48 -24.51 -4.85
CA LEU J 10 -22.54 -24.44 -3.75
C LEU J 10 -22.31 -25.82 -3.19
N ARG J 11 -23.39 -26.56 -2.94
CA ARG J 11 -23.23 -27.89 -2.38
C ARG J 11 -22.34 -28.78 -3.32
N ALA J 12 -22.64 -28.76 -4.62
CA ALA J 12 -21.86 -29.53 -5.63
C ALA J 12 -20.38 -29.29 -5.50
N LYS J 13 -19.99 -28.00 -5.49
CA LYS J 13 -18.58 -27.61 -5.26
C LYS J 13 -17.99 -28.09 -3.95
N LEU J 14 -18.82 -28.20 -2.90
CA LEU J 14 -18.37 -28.71 -1.58
C LEU J 14 -18.42 -30.26 -1.44
N GLY J 15 -18.96 -30.94 -2.44
CA GLY J 15 -19.06 -32.39 -2.43
C GLY J 15 -20.21 -32.93 -1.61
N LEU J 16 -21.33 -32.20 -1.61
CA LEU J 16 -22.52 -32.60 -0.90
C LEU J 16 -23.55 -32.92 -1.96
N LYS J 17 -24.43 -33.86 -1.70
CA LYS J 17 -25.50 -34.16 -2.67
C LYS J 17 -26.48 -32.97 -2.76
N PRO J 18 -27.33 -32.95 -3.80
CA PRO J 18 -28.44 -32.02 -3.91
C PRO J 18 -29.38 -32.01 -2.71
N LEU J 19 -30.10 -30.91 -2.57
CA LEU J 19 -31.04 -30.73 -1.47
C LEU J 19 -32.21 -31.69 -1.58
N SER K 2 -39.23 19.12 9.29
CA SER K 2 -38.17 20.10 8.99
C SER K 2 -38.74 21.29 8.25
N HIS K 3 -38.41 22.49 8.73
CA HIS K 3 -38.90 23.73 8.09
C HIS K 3 -38.22 25.06 8.54
N MET K 4 -38.58 26.11 7.80
CA MET K 4 -38.09 27.47 7.96
C MET K 4 -38.77 28.18 9.11
N ILE K 5 -37.98 28.76 9.98
CA ILE K 5 -38.46 29.72 11.00
C ILE K 5 -37.57 30.99 10.93
N GLU K 6 -38.05 32.10 11.48
CA GLU K 6 -37.29 33.33 11.50
C GLU K 6 -37.18 33.74 12.93
N VAL K 7 -35.95 33.89 13.40
CA VAL K 7 -35.66 34.20 14.80
C VAL K 7 -35.06 35.57 14.81
N VAL K 8 -35.18 36.23 15.96
CA VAL K 8 -34.53 37.47 16.25
C VAL K 8 -33.49 37.30 17.31
N CYS K 9 -32.26 37.69 16.98
CA CYS K 9 -31.21 37.67 17.95
C CYS K 9 -30.96 39.04 18.42
N ASN K 10 -30.87 39.22 19.74
CA ASN K 10 -30.55 40.49 20.33
C ASN K 10 -29.28 40.43 21.13
N ASP K 11 -28.36 41.36 20.89
CA ASP K 11 -27.18 41.44 21.76
C ASP K 11 -27.19 42.43 22.93
N ARG K 12 -26.19 42.23 23.80
CA ARG K 12 -26.12 42.89 25.08
C ARG K 12 -26.17 44.38 24.92
N LEU K 13 -25.72 44.87 23.77
CA LEU K 13 -25.69 46.29 23.49
C LEU K 13 -26.82 46.71 22.59
N GLY K 14 -27.91 45.95 22.53
CA GLY K 14 -29.10 46.41 21.79
C GLY K 14 -29.10 46.18 20.28
N LYS K 15 -28.18 45.42 19.74
CA LYS K 15 -28.25 45.21 18.28
C LYS K 15 -29.18 44.02 18.01
N LYS K 16 -29.89 44.08 16.89
CA LYS K 16 -30.87 43.07 16.56
C LYS K 16 -30.57 42.54 15.18
N VAL K 17 -30.83 41.26 14.96
CA VAL K 17 -30.82 40.67 13.61
C VAL K 17 -31.94 39.62 13.49
N ARG K 18 -32.70 39.70 12.39
CA ARG K 18 -33.68 38.69 12.04
C ARG K 18 -33.00 37.66 11.10
N VAL K 19 -33.14 36.35 11.36
CA VAL K 19 -32.42 35.29 10.63
C VAL K 19 -33.41 34.26 10.28
N LYS K 20 -33.56 33.97 8.99
CA LYS K 20 -34.28 32.83 8.53
C LYS K 20 -33.37 31.57 8.63
N CYS K 21 -33.89 30.54 9.29
CA CYS K 21 -33.18 29.31 9.49
C CYS K 21 -34.13 28.10 9.44
N ASN K 22 -33.54 26.91 9.51
CA ASN K 22 -34.24 25.68 9.35
C ASN K 22 -34.14 24.98 10.69
N THR K 23 -35.23 24.39 11.15
CA THR K 23 -35.19 23.63 12.44
C THR K 23 -34.21 22.41 12.49
N ASP K 24 -33.63 22.01 11.36
CA ASP K 24 -32.60 20.95 11.35
C ASP K 24 -31.25 21.53 11.53
N ASP K 25 -31.09 22.86 11.46
CA ASP K 25 -29.79 23.45 11.68
C ASP K 25 -29.35 23.23 13.11
N THR K 26 -28.05 23.13 13.31
CA THR K 26 -27.56 23.21 14.66
C THR K 26 -27.37 24.67 15.11
N ILE K 27 -27.31 24.84 16.41
CA ILE K 27 -26.95 26.12 16.99
C ILE K 27 -25.63 26.68 16.38
N GLY K 28 -24.60 25.83 16.25
CA GLY K 28 -23.40 26.26 15.59
C GLY K 28 -23.69 26.79 14.16
N ASP K 29 -24.52 26.09 13.41
CA ASP K 29 -24.86 26.56 12.09
C ASP K 29 -25.50 27.96 12.11
N LEU K 30 -26.44 28.16 13.04
CA LEU K 30 -27.13 29.44 13.18
C LEU K 30 -26.15 30.54 13.49
N LYS K 31 -25.22 30.24 14.38
CA LYS K 31 -24.16 31.15 14.74
C LYS K 31 -23.37 31.59 13.51
N LYS K 32 -23.01 30.64 12.67
CA LYS K 32 -22.37 30.97 11.39
C LYS K 32 -23.20 31.89 10.51
N LEU K 33 -24.49 31.60 10.38
CA LEU K 33 -25.40 32.49 9.62
C LEU K 33 -25.50 33.90 10.27
N ILE K 34 -25.65 33.93 11.59
CA ILE K 34 -25.71 35.22 12.27
C ILE K 34 -24.41 36.03 12.01
N ALA K 35 -23.27 35.33 12.12
CA ALA K 35 -21.95 35.95 11.95
C ALA K 35 -21.85 36.61 10.58
N ALA K 36 -22.26 35.86 9.57
CA ALA K 36 -22.28 36.33 8.19
C ALA K 36 -23.19 37.55 7.99
N GLN K 37 -24.35 37.55 8.65
CA GLN K 37 -25.28 38.65 8.46
C GLN K 37 -24.79 39.86 9.19
N THR K 38 -23.97 39.70 10.23
CA THR K 38 -23.66 40.78 11.12
C THR K 38 -22.22 41.28 11.14
N GLY K 39 -21.30 40.62 10.47
CA GLY K 39 -19.94 41.12 10.42
C GLY K 39 -19.14 40.67 11.62
N THR K 40 -19.61 39.60 12.25
CA THR K 40 -19.20 39.24 13.57
C THR K 40 -18.58 37.84 13.43
N ARG K 41 -17.83 37.38 14.43
CA ARG K 41 -17.12 36.11 14.31
C ARG K 41 -17.89 35.03 15.04
N TRP K 42 -18.35 34.05 14.29
CA TRP K 42 -19.14 32.99 14.85
C TRP K 42 -18.58 32.37 16.17
N ASN K 43 -17.28 32.14 16.23
CA ASN K 43 -16.66 31.45 17.38
C ASN K 43 -16.70 32.29 18.67
N LYS K 44 -16.94 33.59 18.51
CA LYS K 44 -17.09 34.47 19.64
C LYS K 44 -18.56 34.57 20.07
N ILE K 45 -19.48 33.95 19.35
CA ILE K 45 -20.92 34.14 19.66
C ILE K 45 -21.50 33.13 20.67
N VAL K 46 -22.13 33.62 21.73
CA VAL K 46 -22.90 32.74 22.62
C VAL K 46 -24.40 33.07 22.45
N LEU K 47 -25.22 32.06 22.25
CA LEU K 47 -26.69 32.21 22.26
C LEU K 47 -27.29 31.60 23.52
N LYS K 48 -28.17 32.37 24.13
CA LYS K 48 -28.75 32.10 25.45
C LYS K 48 -30.27 32.35 25.34
N LYS K 49 -31.08 31.65 26.15
CA LYS K 49 -32.42 32.08 26.50
C LYS K 49 -32.57 31.86 28.00
N TRP K 50 -32.64 32.97 28.74
CA TRP K 50 -32.93 32.95 30.13
C TRP K 50 -31.74 32.31 30.88
N TYR K 51 -31.83 31.02 31.22
CA TYR K 51 -30.76 30.38 32.00
C TYR K 51 -29.99 29.39 31.15
N THR K 52 -30.45 29.19 29.91
CA THR K 52 -29.96 28.14 29.03
C THR K 52 -28.96 28.72 28.04
N ILE K 53 -27.73 28.25 28.14
CA ILE K 53 -26.75 28.47 27.09
C ILE K 53 -26.94 27.33 26.14
N PHE K 54 -27.16 27.65 24.87
CA PHE K 54 -27.48 26.62 23.91
C PHE K 54 -26.17 26.04 23.39
N LYS K 55 -26.13 24.72 23.23
CA LYS K 55 -24.93 24.03 22.70
C LYS K 55 -24.87 23.93 21.16
N ASP K 56 -23.68 24.18 20.60
CA ASP K 56 -23.44 24.23 19.14
C ASP K 56 -23.91 23.04 18.33
N HIS K 57 -23.81 21.83 18.87
CA HIS K 57 -24.10 20.60 18.09
C HIS K 57 -25.58 20.18 18.08
N VAL K 58 -26.41 20.82 18.91
CA VAL K 58 -27.80 20.43 19.10
C VAL K 58 -28.60 21.18 18.06
N SER K 59 -29.66 20.59 17.57
CA SER K 59 -30.46 21.25 16.54
C SER K 59 -31.46 22.28 17.12
N LEU K 60 -31.98 23.15 16.26
CA LEU K 60 -32.89 24.22 16.72
C LEU K 60 -34.18 23.60 17.21
N GLY K 61 -34.77 22.76 16.34
CA GLY K 61 -35.90 21.88 16.68
C GLY K 61 -35.78 21.18 18.05
N ASP K 62 -34.69 20.49 18.31
CA ASP K 62 -34.50 19.88 19.64
C ASP K 62 -34.62 20.89 20.78
N TYR K 63 -34.17 22.13 20.55
CA TYR K 63 -34.36 23.13 21.57
C TYR K 63 -35.76 23.82 21.56
N GLU K 64 -36.64 23.41 20.64
CA GLU K 64 -37.95 24.03 20.49
C GLU K 64 -37.82 25.50 20.14
N ILE K 65 -36.75 25.83 19.41
CA ILE K 65 -36.54 27.19 18.90
C ILE K 65 -37.51 27.35 17.75
N HIS K 66 -38.19 28.51 17.70
CA HIS K 66 -39.38 28.65 16.86
C HIS K 66 -39.53 30.05 16.23
N ASP K 67 -40.47 30.13 15.30
CA ASP K 67 -40.65 31.34 14.54
C ASP K 67 -41.07 32.50 15.48
N GLY K 68 -40.33 33.60 15.43
CA GLY K 68 -40.61 34.77 16.22
C GLY K 68 -39.85 34.76 17.53
N MET K 69 -39.18 33.65 17.86
CA MET K 69 -38.39 33.63 19.10
C MET K 69 -37.29 34.69 19.11
N ASN K 70 -37.12 35.34 20.27
CA ASN K 70 -36.00 36.27 20.49
C ASN K 70 -34.92 35.51 21.25
N LEU K 71 -33.77 35.27 20.60
CA LEU K 71 -32.61 34.73 21.26
C LEU K 71 -31.65 35.79 21.77
N GLU K 72 -31.01 35.48 22.87
CA GLU K 72 -30.03 36.39 23.47
C GLU K 72 -28.60 36.08 22.97
N LEU K 73 -27.87 37.10 22.55
CA LEU K 73 -26.55 36.89 21.96
C LEU K 73 -25.49 37.59 22.80
N TYR K 74 -24.47 36.85 23.21
CA TYR K 74 -23.34 37.37 23.97
C TYR K 74 -22.08 36.91 23.25
N TYR K 75 -20.93 37.46 23.67
CA TYR K 75 -19.60 37.14 23.07
C TYR K 75 -18.65 36.44 24.04
N GLN K 76 -17.73 35.63 23.52
CA GLN K 76 -16.72 34.95 24.35
C GLN K 76 -15.31 35.11 23.78
N SER L 1 -35.98 39.66 7.45
CA SER L 1 -35.37 40.73 6.63
C SER L 1 -34.83 40.24 5.30
N LEU L 2 -33.80 39.39 5.31
CA LEU L 2 -33.32 38.78 4.09
C LEU L 2 -34.41 37.88 3.56
N SER L 3 -34.63 37.85 2.23
CA SER L 3 -35.62 36.90 1.69
C SER L 3 -35.10 35.49 1.84
N ILE L 4 -35.93 34.54 1.53
CA ILE L 4 -35.55 33.14 1.46
C ILE L 4 -34.41 32.93 0.45
N GLU L 5 -34.56 33.48 -0.74
CA GLU L 5 -33.49 33.31 -1.71
C GLU L 5 -32.16 33.96 -1.31
N GLU L 6 -32.27 35.18 -0.78
CA GLU L 6 -31.12 35.89 -0.35
C GLU L 6 -30.43 35.13 0.78
N THR L 7 -31.22 34.61 1.72
CA THR L 7 -30.69 33.78 2.79
C THR L 7 -29.99 32.50 2.28
N ASN L 8 -30.60 31.86 1.32
CA ASN L 8 -30.04 30.65 0.69
C ASN L 8 -28.66 30.90 0.02
N LYS L 9 -28.49 32.06 -0.62
CA LYS L 9 -27.22 32.34 -1.26
C LYS L 9 -26.16 32.35 -0.15
N LEU L 10 -26.51 32.94 0.97
CA LEU L 10 -25.57 33.07 2.06
C LEU L 10 -25.33 31.71 2.69
N ARG L 11 -26.37 30.88 2.71
CA ARG L 11 -26.24 29.60 3.33
C ARG L 11 -25.31 28.69 2.47
N ALA L 12 -25.48 28.78 1.16
CA ALA L 12 -24.61 28.08 0.20
C ALA L 12 -23.16 28.43 0.46
N LYS L 13 -22.88 29.71 0.57
CA LYS L 13 -21.52 30.17 0.80
C LYS L 13 -20.94 29.62 2.10
N LEU L 14 -21.79 29.54 3.12
CA LEU L 14 -21.37 29.10 4.47
C LEU L 14 -21.22 27.57 4.58
N GLY L 15 -21.80 26.85 3.63
CA GLY L 15 -21.74 25.38 3.62
C GLY L 15 -23.03 24.79 4.12
N LEU L 16 -23.99 25.66 4.43
CA LEU L 16 -25.27 25.20 4.89
C LEU L 16 -26.18 24.78 3.77
N LYS L 17 -27.10 23.89 4.09
CA LYS L 17 -28.09 23.42 3.14
C LYS L 17 -29.17 24.48 2.91
N PRO L 18 -29.99 24.27 1.87
CA PRO L 18 -31.10 25.21 1.62
C PRO L 18 -32.14 25.20 2.73
N LEU L 19 -32.82 26.33 2.91
CA LEU L 19 -33.84 26.50 3.97
C LEU L 19 -35.00 25.55 3.84
#